data_5YRP
#
_entry.id   5YRP
#
_cell.length_a   129.053
_cell.length_b   129.053
_cell.length_c   165.535
_cell.angle_alpha   90.00
_cell.angle_beta   90.00
_cell.angle_gamma   90.00
#
_symmetry.space_group_name_H-M   'I 4 2 2'
#
loop_
_entity.id
_entity.type
_entity.pdbx_description
1 polymer 'Sensory box/response regulator'
2 non-polymer 'MAGNESIUM ION'
3 water water
#
_entity_poly.entity_id   1
_entity_poly.type   'polypeptide(L)'
_entity_poly.pdbx_seq_one_letter_code
;IEGGALVLHYLPEID(MSE)RTGEVLAAEALVRWEHPTRGLLSPDSFIGVAESINLAGELGRWVLRTACAEFSRWRANGV
GRNIVLRINVSPVQLVTDGFVESVAGI(MSE)KEFGLPRGSVCLEITESVVVQDIETTRTTLTGLHNVGVQVAIDDFGTG
YSVLSLLKSLPVDTLKIDRSFVAELGSNPGDLPIVRAVIALAGAFGLQLVAEGVETERAALTLLRHGCYRAQGFLLSKPI
LGSE(MSE)QTLLAKGRVP
;
_entity_poly.pdbx_strand_id   A,B
#
# COMPACT_ATOMS: atom_id res chain seq x y z
N ALA A 5 -1.22 25.95 27.24
CA ALA A 5 -2.47 25.14 27.07
C ALA A 5 -2.80 24.90 25.60
N LEU A 6 -3.65 23.92 25.35
CA LEU A 6 -4.07 23.55 23.98
C LEU A 6 -5.57 23.71 23.77
N VAL A 7 -5.97 23.70 22.50
CA VAL A 7 -7.38 23.88 22.13
C VAL A 7 -7.67 23.09 20.86
N LEU A 8 -8.91 22.65 20.71
CA LEU A 8 -9.31 21.87 19.54
C LEU A 8 -9.49 22.73 18.31
N HIS A 9 -9.36 22.06 17.17
CA HIS A 9 -9.23 22.66 15.85
C HIS A 9 -10.05 21.78 14.94
N TYR A 10 -10.89 22.36 14.10
CA TYR A 10 -11.79 21.56 13.29
C TYR A 10 -11.64 21.79 11.80
N LEU A 11 -11.20 20.74 11.11
CA LEU A 11 -11.03 20.78 9.66
C LEU A 11 -12.30 20.21 9.02
N PRO A 12 -13.12 21.08 8.42
CA PRO A 12 -14.38 20.58 7.88
C PRO A 12 -14.22 19.80 6.59
N GLU A 13 -15.12 18.85 6.40
CA GLU A 13 -15.14 17.96 5.25
C GLU A 13 -16.39 18.24 4.44
N ILE A 14 -16.20 18.73 3.22
CA ILE A 14 -17.33 19.19 2.43
C ILE A 14 -17.60 18.30 1.21
N ASP A 15 -18.83 18.37 0.73
CA ASP A 15 -19.18 17.85 -0.58
C ASP A 15 -18.76 18.89 -1.60
N ARG A 17 -19.22 19.06 -4.70
CA ARG A 17 -20.27 19.36 -5.67
C ARG A 17 -21.09 20.55 -5.18
N THR A 18 -21.63 20.42 -3.98
CA THR A 18 -22.51 21.42 -3.38
C THR A 18 -21.73 22.49 -2.61
N GLY A 19 -20.74 22.06 -1.86
CA GLY A 19 -20.06 22.91 -0.89
C GLY A 19 -20.57 22.66 0.53
N GLU A 20 -21.47 21.68 0.68
CA GLU A 20 -22.11 21.35 1.95
C GLU A 20 -21.14 20.62 2.90
N VAL A 21 -21.17 20.99 4.17
CA VAL A 21 -20.35 20.34 5.19
C VAL A 21 -20.97 19.01 5.62
N LEU A 22 -20.29 17.91 5.32
CA LEU A 22 -20.75 16.56 5.64
C LEU A 22 -20.19 16.03 6.95
N ALA A 23 -18.99 16.49 7.29
CA ALA A 23 -18.33 16.10 8.53
C ALA A 23 -17.28 17.11 8.95
N ALA A 24 -16.73 16.92 10.14
CA ALA A 24 -15.64 17.75 10.66
C ALA A 24 -14.65 16.91 11.45
N GLU A 25 -13.39 16.93 11.02
CA GLU A 25 -12.31 16.20 11.71
C GLU A 25 -11.75 17.05 12.84
N ALA A 26 -11.86 16.56 14.06
CA ALA A 26 -11.26 17.21 15.23
C ALA A 26 -9.74 17.04 15.23
N LEU A 27 -9.04 18.17 15.27
CA LEU A 27 -7.58 18.21 15.37
C LEU A 27 -7.21 19.15 16.50
N VAL A 28 -5.99 19.07 16.99
CA VAL A 28 -5.53 20.01 18.02
C VAL A 28 -4.63 21.05 17.39
N ARG A 29 -4.85 22.31 17.76
CA ARG A 29 -4.07 23.42 17.24
C ARG A 29 -2.75 23.54 18.01
N TRP A 30 -1.66 23.75 17.27
CA TRP A 30 -0.33 23.83 17.85
C TRP A 30 0.29 25.22 17.66
N ILE A 50 -2.29 5.82 29.22
CA ILE A 50 -1.04 5.99 29.95
C ILE A 50 -0.01 6.85 29.17
N ASN A 51 0.19 6.53 27.89
CA ASN A 51 1.19 7.23 27.08
C ASN A 51 0.79 8.66 26.75
N LEU A 52 1.72 9.41 26.16
CA LEU A 52 1.49 10.83 25.86
C LEU A 52 0.30 11.01 24.94
N ALA A 53 0.36 10.37 23.78
CA ALA A 53 -0.72 10.42 22.80
C ALA A 53 -1.97 9.69 23.31
N GLY A 54 -1.74 8.67 24.14
CA GLY A 54 -2.83 7.90 24.75
C GLY A 54 -3.76 8.78 25.57
N GLU A 55 -3.16 9.66 26.38
CA GLU A 55 -3.90 10.64 27.16
C GLU A 55 -4.51 11.72 26.27
N LEU A 56 -3.67 12.30 25.41
CA LEU A 56 -4.07 13.39 24.51
C LEU A 56 -5.33 13.03 23.73
N GLY A 57 -5.24 11.94 22.97
CA GLY A 57 -6.35 11.52 22.15
C GLY A 57 -7.61 11.19 22.94
N ARG A 58 -7.43 10.62 24.13
CA ARG A 58 -8.57 10.34 25.00
C ARG A 58 -9.22 11.64 25.47
N TRP A 59 -8.40 12.67 25.72
CA TRP A 59 -8.90 14.00 26.03
C TRP A 59 -9.64 14.59 24.83
N VAL A 60 -9.01 14.52 23.67
CA VAL A 60 -9.59 15.02 22.42
C VAL A 60 -10.96 14.40 22.19
N LEU A 61 -11.02 13.07 22.25
CA LEU A 61 -12.26 12.33 22.04
C LEU A 61 -13.40 12.90 22.89
N ARG A 62 -13.11 13.10 24.17
CA ARG A 62 -14.09 13.64 25.13
C ARG A 62 -14.44 15.10 24.82
N THR A 63 -13.42 15.91 24.56
CA THR A 63 -13.61 17.34 24.29
C THR A 63 -14.31 17.57 22.95
N ALA A 64 -13.94 16.78 21.95
CA ALA A 64 -14.55 16.88 20.62
C ALA A 64 -16.01 16.53 20.68
N CYS A 65 -16.31 15.39 21.30
CA CYS A 65 -17.69 14.93 21.49
C CYS A 65 -18.52 15.93 22.31
N ALA A 66 -17.89 16.53 23.31
CA ALA A 66 -18.54 17.54 24.13
C ALA A 66 -18.90 18.76 23.29
N GLU A 67 -17.91 19.29 22.59
CA GLU A 67 -18.09 20.44 21.70
C GLU A 67 -19.07 20.11 20.57
N PHE A 68 -19.07 18.86 20.12
CA PHE A 68 -19.94 18.40 19.04
C PHE A 68 -21.40 18.44 19.48
N SER A 69 -21.69 17.95 20.68
CA SER A 69 -23.04 17.96 21.22
C SER A 69 -23.56 19.39 21.46
N ARG A 70 -22.66 20.32 21.76
CA ARG A 70 -23.03 21.74 21.91
C ARG A 70 -23.61 22.30 20.62
N TRP A 71 -23.08 21.83 19.49
CA TRP A 71 -23.61 22.22 18.18
C TRP A 71 -25.00 21.63 18.00
N ARG A 72 -25.12 20.35 18.34
CA ARG A 72 -26.38 19.61 18.25
C ARG A 72 -27.45 20.26 19.12
N ALA A 73 -27.03 20.77 20.28
CA ALA A 73 -27.92 21.51 21.18
C ALA A 73 -28.42 22.80 20.53
N ASN A 74 -27.51 23.51 19.84
CA ASN A 74 -27.87 24.72 19.10
C ASN A 74 -28.50 24.46 17.74
N GLY A 75 -28.79 23.19 17.44
CA GLY A 75 -29.50 22.83 16.22
C GLY A 75 -28.71 22.97 14.94
N VAL A 76 -27.38 22.90 15.05
CA VAL A 76 -26.51 22.94 13.87
C VAL A 76 -25.66 21.67 13.85
N GLY A 77 -25.30 21.22 12.65
CA GLY A 77 -24.56 19.97 12.46
C GLY A 77 -25.28 18.79 13.07
N ARG A 78 -26.61 18.83 13.03
CA ARG A 78 -27.44 17.80 13.64
C ARG A 78 -27.21 16.46 12.97
N ASN A 79 -26.98 16.49 11.67
CA ASN A 79 -26.72 15.25 10.94
C ASN A 79 -25.44 15.31 10.10
N ILE A 80 -24.32 15.45 10.81
CA ILE A 80 -23.00 15.32 10.23
C ILE A 80 -22.19 14.35 11.08
N VAL A 81 -21.04 13.93 10.55
CA VAL A 81 -20.17 13.02 11.29
C VAL A 81 -19.04 13.81 11.94
N LEU A 82 -18.60 13.35 13.11
CA LEU A 82 -17.45 13.92 13.80
C LEU A 82 -16.27 12.93 13.70
N ARG A 83 -15.24 13.32 12.96
CA ARG A 83 -14.07 12.47 12.77
C ARG A 83 -12.98 12.79 13.80
N ILE A 84 -12.53 11.75 14.50
CA ILE A 84 -11.51 11.90 15.53
C ILE A 84 -10.39 10.91 15.27
N ASN A 85 -9.15 11.41 15.28
CA ASN A 85 -7.98 10.58 15.07
C ASN A 85 -7.68 9.77 16.30
N VAL A 86 -7.64 8.45 16.14
CA VAL A 86 -7.32 7.54 17.25
C VAL A 86 -5.92 6.96 17.07
N SER A 87 -5.12 7.12 18.12
CA SER A 87 -3.75 6.60 18.18
C SER A 87 -3.77 5.08 18.35
N PRO A 88 -2.68 4.38 17.93
CA PRO A 88 -2.63 2.93 18.13
C PRO A 88 -2.64 2.50 19.61
N VAL A 89 -2.15 3.38 20.48
CA VAL A 89 -2.07 3.10 21.93
C VAL A 89 -3.45 3.17 22.59
N GLN A 90 -4.24 4.16 22.21
CA GLN A 90 -5.58 4.37 22.80
C GLN A 90 -6.46 3.18 22.45
N LEU A 91 -6.51 2.86 21.16
CA LEU A 91 -7.15 1.65 20.69
C LEU A 91 -6.33 0.51 21.26
N VAL A 92 -6.83 -0.71 21.13
CA VAL A 92 -6.19 -1.92 21.69
C VAL A 92 -5.85 -1.74 23.17
N THR A 93 -6.80 -1.17 23.92
CA THR A 93 -6.74 -1.12 25.36
C THR A 93 -8.06 -1.65 25.87
N ASP A 94 -8.00 -2.55 26.86
CA ASP A 94 -9.21 -3.14 27.41
C ASP A 94 -10.08 -2.04 28.00
N GLY A 95 -11.31 -1.94 27.48
CA GLY A 95 -12.27 -0.93 27.93
C GLY A 95 -12.39 0.26 26.98
N PHE A 96 -11.56 0.30 25.94
CA PHE A 96 -11.59 1.39 24.97
C PHE A 96 -12.93 1.45 24.25
N VAL A 97 -13.37 0.32 23.70
CA VAL A 97 -14.63 0.26 22.94
C VAL A 97 -15.81 0.67 23.83
N GLU A 98 -15.82 0.13 25.05
CA GLU A 98 -16.84 0.47 26.05
C GLU A 98 -16.75 1.93 26.50
N SER A 99 -15.52 2.45 26.56
CA SER A 99 -15.28 3.85 26.95
C SER A 99 -15.87 4.84 25.95
N VAL A 100 -15.69 4.57 24.67
CA VAL A 100 -16.22 5.40 23.60
C VAL A 100 -17.74 5.48 23.71
N ALA A 101 -18.37 4.32 23.91
CA ALA A 101 -19.82 4.25 24.13
C ALA A 101 -20.21 5.12 25.33
N GLY A 102 -19.41 5.04 26.39
CA GLY A 102 -19.60 5.85 27.58
C GLY A 102 -19.49 7.34 27.36
N ILE A 103 -18.64 7.75 26.41
CA ILE A 103 -18.52 9.15 26.02
C ILE A 103 -19.80 9.61 25.32
N LYS A 105 -22.86 8.17 25.24
CA LYS A 105 -23.97 8.14 26.19
C LYS A 105 -24.02 9.46 26.96
N GLU A 106 -22.85 9.90 27.41
CA GLU A 106 -22.70 11.10 28.22
C GLU A 106 -23.19 12.36 27.49
N PHE A 107 -22.71 12.56 26.27
CA PHE A 107 -23.02 13.76 25.48
C PHE A 107 -24.17 13.58 24.48
N GLY A 108 -24.96 12.53 24.67
CA GLY A 108 -26.17 12.29 23.88
C GLY A 108 -25.95 12.27 22.39
N LEU A 109 -24.79 11.76 21.97
CA LEU A 109 -24.47 11.67 20.55
C LEU A 109 -25.10 10.39 19.99
N PRO A 110 -25.81 10.51 18.86
CA PRO A 110 -26.56 9.36 18.34
C PRO A 110 -25.69 8.36 17.59
N ARG A 111 -26.30 7.26 17.17
CA ARG A 111 -25.61 6.19 16.47
C ARG A 111 -25.19 6.60 15.07
N GLY A 112 -23.91 6.44 14.77
CA GLY A 112 -23.34 6.78 13.46
C GLY A 112 -22.81 8.20 13.35
N SER A 113 -22.86 8.94 14.45
CA SER A 113 -22.48 10.35 14.46
C SER A 113 -20.99 10.56 14.73
N VAL A 114 -20.27 9.48 15.04
CA VAL A 114 -18.82 9.56 15.27
C VAL A 114 -18.08 8.54 14.39
N CYS A 115 -16.98 8.98 13.81
CA CYS A 115 -16.12 8.12 12.99
C CYS A 115 -14.67 8.21 13.45
N LEU A 116 -14.14 7.10 13.96
CA LEU A 116 -12.78 7.07 14.51
C LEU A 116 -11.75 6.75 13.44
N GLU A 117 -10.93 7.73 13.07
CA GLU A 117 -9.85 7.53 12.10
C GLU A 117 -8.71 6.75 12.72
N ILE A 118 -8.26 5.72 12.02
CA ILE A 118 -7.11 4.93 12.43
C ILE A 118 -6.08 4.94 11.32
N THR A 119 -4.82 5.19 11.68
CA THR A 119 -3.72 5.17 10.71
C THR A 119 -3.56 3.75 10.16
N GLU A 120 -3.17 3.67 8.89
CA GLU A 120 -3.08 2.39 8.19
C GLU A 120 -2.06 1.44 8.85
N SER A 121 -0.99 2.01 9.40
CA SER A 121 0.08 1.23 10.04
C SER A 121 -0.30 0.64 11.41
N VAL A 122 -1.51 0.10 11.52
CA VAL A 122 -1.98 -0.60 12.72
C VAL A 122 -2.25 -2.08 12.42
N VAL A 123 -2.12 -2.46 11.15
CA VAL A 123 -2.35 -3.84 10.71
C VAL A 123 -1.49 -4.85 11.47
N VAL A 124 -0.18 -4.61 11.49
CA VAL A 124 0.79 -5.48 12.15
C VAL A 124 1.33 -4.83 13.42
N GLN A 125 1.33 -3.50 13.47
CA GLN A 125 1.74 -2.75 14.67
C GLN A 125 0.86 -3.10 15.87
N ASP A 126 -0.38 -3.52 15.59
CA ASP A 126 -1.24 -4.14 16.60
C ASP A 126 -1.73 -5.51 16.10
N ILE A 127 -2.16 -6.35 17.05
CA ILE A 127 -2.72 -7.68 16.74
C ILE A 127 -4.03 -7.58 15.93
N GLU A 128 -4.41 -8.68 15.27
CA GLU A 128 -5.65 -8.76 14.49
C GLU A 128 -6.95 -8.75 15.29
N THR A 129 -6.84 -8.68 16.62
CA THR A 129 -8.00 -8.45 17.49
C THR A 129 -8.61 -7.09 17.20
N THR A 130 -7.89 -6.29 16.42
CA THR A 130 -8.41 -5.04 15.88
C THR A 130 -9.80 -5.28 15.27
N ARG A 131 -9.94 -6.41 14.57
CA ARG A 131 -11.21 -6.80 13.95
C ARG A 131 -12.35 -6.80 14.96
N THR A 132 -12.09 -7.39 16.13
CA THR A 132 -13.07 -7.45 17.22
C THR A 132 -13.38 -6.05 17.77
N THR A 133 -12.36 -5.20 17.85
CA THR A 133 -12.53 -3.81 18.28
C THR A 133 -13.49 -3.07 17.35
N LEU A 134 -13.24 -3.17 16.06
CA LEU A 134 -14.14 -2.58 15.06
C LEU A 134 -15.54 -3.15 15.22
N THR A 135 -15.63 -4.47 15.31
CA THR A 135 -16.90 -5.16 15.49
C THR A 135 -17.65 -4.63 16.71
N GLY A 136 -16.92 -4.40 17.80
CA GLY A 136 -17.49 -3.80 19.00
C GLY A 136 -17.95 -2.37 18.77
N LEU A 137 -17.13 -1.60 18.06
CA LEU A 137 -17.41 -0.19 17.77
C LEU A 137 -18.62 0.01 16.87
N HIS A 138 -18.80 -0.87 15.88
CA HIS A 138 -19.96 -0.82 15.00
C HIS A 138 -21.26 -1.08 15.77
N ASN A 139 -21.19 -1.92 16.80
CA ASN A 139 -22.35 -2.22 17.66
C ASN A 139 -22.74 -1.05 18.55
N VAL A 140 -21.76 -0.24 18.94
CA VAL A 140 -22.00 1.02 19.66
C VAL A 140 -22.61 2.08 18.73
N GLY A 141 -22.28 1.99 17.45
CA GLY A 141 -22.71 2.99 16.45
C GLY A 141 -21.60 3.97 16.15
N VAL A 142 -20.38 3.45 16.04
CA VAL A 142 -19.19 4.25 15.79
C VAL A 142 -18.56 3.79 14.48
N GLN A 143 -18.42 4.72 13.54
CA GLN A 143 -17.81 4.42 12.25
C GLN A 143 -16.30 4.38 12.40
N VAL A 144 -15.62 3.81 11.41
CA VAL A 144 -14.15 3.76 11.41
C VAL A 144 -13.60 4.08 10.03
N ALA A 145 -12.61 4.96 10.00
CA ALA A 145 -11.94 5.39 8.79
C ALA A 145 -10.47 4.97 8.77
N ILE A 146 -9.95 4.73 7.58
CA ILE A 146 -8.53 4.45 7.37
C ILE A 146 -7.85 5.67 6.75
N ASP A 147 -7.13 6.35 7.63
CA ASP A 147 -6.38 7.58 7.41
C ASP A 147 -5.08 7.30 6.68
N ASP A 148 -4.57 8.27 5.93
CA ASP A 148 -3.23 8.15 5.36
C ASP A 148 -3.03 6.77 4.74
N PHE A 149 -3.89 6.45 3.78
CA PHE A 149 -3.87 5.14 3.14
C PHE A 149 -2.86 5.08 2.00
N GLY A 150 -2.06 4.02 1.98
CA GLY A 150 -0.98 3.85 1.01
C GLY A 150 0.34 4.46 1.43
N THR A 151 0.38 5.03 2.63
CA THR A 151 1.59 5.66 3.16
C THR A 151 2.27 4.82 4.22
N GLY A 152 1.46 4.23 5.12
CA GLY A 152 1.98 3.38 6.17
C GLY A 152 2.11 1.94 5.73
N TYR A 153 2.19 1.04 6.71
CA TYR A 153 2.20 -0.40 6.47
C TYR A 153 0.86 -0.82 5.90
N SER A 154 0.87 -1.26 4.65
CA SER A 154 -0.36 -1.48 3.90
C SER A 154 -1.30 -2.51 4.54
N VAL A 155 -2.60 -2.26 4.37
CA VAL A 155 -3.65 -3.15 4.86
C VAL A 155 -4.35 -3.83 3.69
N LEU A 156 -3.85 -3.63 2.47
CA LEU A 156 -4.47 -4.23 1.28
C LEU A 156 -4.84 -5.69 1.51
N SER A 157 -3.93 -6.43 2.14
CA SER A 157 -4.15 -7.85 2.47
C SER A 157 -5.45 -8.06 3.26
N LEU A 158 -5.73 -7.16 4.20
CA LEU A 158 -6.84 -7.33 5.14
C LEU A 158 -8.04 -6.39 4.93
N LEU A 159 -8.00 -5.53 3.90
CA LEU A 159 -9.12 -4.62 3.63
C LEU A 159 -10.43 -5.37 3.44
N LYS A 160 -10.37 -6.47 2.70
CA LYS A 160 -11.52 -7.35 2.48
C LYS A 160 -12.08 -7.91 3.79
N SER A 161 -11.20 -8.32 4.70
CA SER A 161 -11.60 -8.94 5.96
C SER A 161 -11.93 -7.90 7.03
N LEU A 162 -11.41 -6.68 6.85
CA LEU A 162 -11.69 -5.56 7.76
C LEU A 162 -12.98 -4.83 7.43
N PRO A 163 -13.85 -4.66 8.43
CA PRO A 163 -15.11 -3.92 8.32
C PRO A 163 -15.04 -2.41 8.52
N VAL A 164 -13.91 -1.79 8.18
CA VAL A 164 -13.84 -0.33 8.22
C VAL A 164 -14.85 0.27 7.25
N ASP A 165 -15.32 1.48 7.55
CA ASP A 165 -16.40 2.13 6.80
C ASP A 165 -15.90 3.12 5.76
N THR A 166 -14.98 3.98 6.17
CA THR A 166 -14.47 5.03 5.31
C THR A 166 -13.03 4.74 4.94
N LEU A 167 -12.62 5.30 3.80
CA LEU A 167 -11.23 5.22 3.35
C LEU A 167 -10.79 6.60 2.85
N LYS A 168 -9.67 7.08 3.37
CA LYS A 168 -9.18 8.42 3.04
C LYS A 168 -8.01 8.42 2.06
N ILE A 169 -8.08 9.32 1.08
CA ILE A 169 -7.00 9.50 0.11
C ILE A 169 -5.98 10.45 0.70
N ASP A 170 -4.79 9.94 1.00
CA ASP A 170 -3.72 10.71 1.66
C ASP A 170 -3.39 12.02 0.94
N ARG A 171 -2.91 12.99 1.72
CA ARG A 171 -2.53 14.32 1.21
C ARG A 171 -1.55 14.27 0.03
N SER A 172 -0.59 13.33 0.08
CA SER A 172 0.45 13.23 -0.94
C SER A 172 -0.09 12.98 -2.34
N PHE A 173 -1.11 12.13 -2.44
CA PHE A 173 -1.71 11.78 -3.74
C PHE A 173 -2.68 12.86 -4.24
N VAL A 174 -3.08 13.75 -3.36
CA VAL A 174 -4.01 14.82 -3.69
C VAL A 174 -3.29 16.15 -3.94
N ALA A 175 -2.21 16.41 -3.21
CA ALA A 175 -1.54 17.70 -3.21
C ALA A 175 -1.20 18.19 -4.61
N GLU A 176 -0.38 17.43 -5.32
CA GLU A 176 0.04 17.76 -6.67
C GLU A 176 -0.79 16.99 -7.70
N LEU A 177 -2.03 16.68 -7.34
CA LEU A 177 -2.91 15.90 -8.21
C LEU A 177 -3.24 16.70 -9.46
N GLY A 178 -3.04 16.06 -10.61
CA GLY A 178 -3.22 16.69 -11.92
C GLY A 178 -1.88 17.03 -12.53
N SER A 179 -1.09 17.84 -11.81
CA SER A 179 0.23 18.24 -12.26
C SER A 179 1.20 17.05 -12.16
N ASN A 180 1.15 16.34 -11.04
CA ASN A 180 1.96 15.14 -10.84
C ASN A 180 1.27 13.91 -11.46
N PRO A 181 1.96 13.23 -12.39
CA PRO A 181 1.36 12.14 -13.15
C PRO A 181 1.15 10.86 -12.33
N GLY A 182 1.96 10.68 -11.28
CA GLY A 182 1.88 9.50 -10.44
C GLY A 182 0.65 9.46 -9.55
N ASP A 183 0.10 10.64 -9.24
CA ASP A 183 -1.03 10.76 -8.32
C ASP A 183 -2.30 10.12 -8.87
N LEU A 184 -2.69 10.54 -10.06
CA LEU A 184 -3.99 10.14 -10.63
C LEU A 184 -4.24 8.63 -10.69
N PRO A 185 -3.27 7.83 -11.19
CA PRO A 185 -3.46 6.37 -11.19
C PRO A 185 -3.69 5.80 -9.79
N ILE A 186 -2.97 6.34 -8.81
CA ILE A 186 -3.09 5.90 -7.43
C ILE A 186 -4.46 6.30 -6.87
N VAL A 187 -4.85 7.54 -7.16
CA VAL A 187 -6.17 8.02 -6.78
C VAL A 187 -7.25 7.20 -7.50
N ARG A 188 -7.01 6.91 -8.78
CA ARG A 188 -7.98 6.15 -9.57
C ARG A 188 -8.13 4.73 -9.00
N ALA A 189 -7.02 4.18 -8.52
CA ALA A 189 -7.02 2.84 -7.94
C ALA A 189 -7.82 2.79 -6.64
N VAL A 190 -7.43 3.61 -5.67
CA VAL A 190 -8.06 3.61 -4.33
C VAL A 190 -9.59 3.79 -4.39
N ILE A 191 -10.05 4.58 -5.35
CA ILE A 191 -11.49 4.77 -5.57
C ILE A 191 -12.17 3.44 -5.86
N ALA A 192 -11.58 2.69 -6.78
CA ALA A 192 -12.09 1.36 -7.16
C ALA A 192 -12.16 0.40 -5.96
N LEU A 193 -11.15 0.45 -5.11
CA LEU A 193 -11.11 -0.40 -3.91
C LEU A 193 -12.28 -0.08 -2.98
N ALA A 194 -12.43 1.20 -2.66
CA ALA A 194 -13.53 1.64 -1.81
C ALA A 194 -14.88 1.22 -2.38
N GLY A 195 -15.01 1.32 -3.70
CA GLY A 195 -16.25 0.94 -4.40
C GLY A 195 -16.58 -0.54 -4.30
N ALA A 196 -15.54 -1.37 -4.26
CA ALA A 196 -15.70 -2.82 -4.15
C ALA A 196 -16.18 -3.25 -2.76
N PHE A 197 -15.58 -2.67 -1.72
CA PHE A 197 -15.87 -3.02 -0.33
C PHE A 197 -16.89 -2.10 0.35
N GLY A 198 -17.52 -1.23 -0.44
CA GLY A 198 -18.57 -0.35 0.06
C GLY A 198 -18.06 0.71 1.03
N LEU A 199 -16.82 1.12 0.84
CA LEU A 199 -16.19 2.13 1.70
C LEU A 199 -16.50 3.55 1.23
N GLN A 200 -16.72 4.43 2.19
CA GLN A 200 -16.92 5.85 1.91
C GLN A 200 -15.58 6.46 1.51
N LEU A 201 -15.60 7.30 0.48
CA LEU A 201 -14.39 7.94 -0.02
C LEU A 201 -14.28 9.39 0.41
N VAL A 202 -13.22 9.71 1.14
CA VAL A 202 -12.92 11.07 1.56
C VAL A 202 -11.51 11.42 1.11
N ALA A 203 -11.35 12.57 0.48
CA ALA A 203 -10.04 13.04 0.07
C ALA A 203 -9.54 14.08 1.06
N GLU A 204 -8.26 14.00 1.40
CA GLU A 204 -7.63 15.01 2.26
C GLU A 204 -6.48 15.68 1.52
N GLY A 205 -6.19 16.92 1.92
CA GLY A 205 -5.12 17.71 1.31
C GLY A 205 -5.45 18.29 -0.06
N VAL A 206 -6.72 18.62 -0.27
CA VAL A 206 -7.16 19.24 -1.53
C VAL A 206 -6.72 20.71 -1.57
N GLU A 207 -5.52 20.93 -2.09
CA GLU A 207 -4.90 22.26 -2.10
C GLU A 207 -5.31 23.07 -3.32
N THR A 208 -5.51 22.40 -4.44
CA THR A 208 -5.73 23.08 -5.70
C THR A 208 -7.04 22.64 -6.33
N GLU A 209 -7.66 23.55 -7.08
CA GLU A 209 -8.91 23.25 -7.80
C GLU A 209 -8.66 22.23 -8.90
N ARG A 210 -7.44 22.20 -9.41
CA ARG A 210 -6.99 21.16 -10.34
C ARG A 210 -7.23 19.80 -9.72
N ALA A 211 -6.78 19.61 -8.48
CA ALA A 211 -7.00 18.37 -7.74
C ALA A 211 -8.49 18.12 -7.52
N ALA A 212 -9.19 19.14 -7.04
CA ALA A 212 -10.62 19.05 -6.79
C ALA A 212 -11.38 18.62 -8.04
N LEU A 213 -10.99 19.21 -9.17
CA LEU A 213 -11.65 18.95 -10.45
C LEU A 213 -11.52 17.48 -10.88
N THR A 214 -10.31 16.93 -10.75
CA THR A 214 -10.07 15.53 -11.14
C THR A 214 -10.83 14.56 -10.24
N LEU A 215 -10.74 14.76 -8.93
CA LEU A 215 -11.42 13.91 -7.96
C LEU A 215 -12.91 13.79 -8.26
N LEU A 216 -13.54 14.92 -8.57
CA LEU A 216 -14.95 14.94 -8.95
C LEU A 216 -15.18 14.11 -10.21
N ARG A 217 -14.34 14.35 -11.22
CA ARG A 217 -14.44 13.63 -12.50
C ARG A 217 -14.21 12.12 -12.36
N HIS A 218 -13.35 11.73 -11.43
CA HIS A 218 -12.99 10.31 -11.25
C HIS A 218 -13.78 9.61 -10.15
N GLY A 219 -14.64 10.35 -9.45
CA GLY A 219 -15.66 9.74 -8.58
C GLY A 219 -15.51 9.89 -7.06
N CYS A 220 -14.88 10.98 -6.63
CA CYS A 220 -14.72 11.29 -5.21
C CYS A 220 -15.27 12.69 -4.95
N TYR A 221 -16.37 12.77 -4.22
CA TYR A 221 -17.05 14.05 -3.97
C TYR A 221 -16.75 14.65 -2.58
N ARG A 222 -16.48 13.79 -1.59
CA ARG A 222 -16.15 14.26 -0.24
C ARG A 222 -14.67 14.62 -0.17
N ALA A 223 -14.37 15.74 0.48
CA ALA A 223 -12.99 16.20 0.57
C ALA A 223 -12.72 17.19 1.70
N GLN A 224 -11.44 17.28 2.07
CA GLN A 224 -10.92 18.27 3.01
C GLN A 224 -9.73 18.97 2.37
N GLY A 225 -9.48 20.23 2.72
CA GLY A 225 -8.34 20.96 2.19
C GLY A 225 -8.39 22.46 2.43
N PHE A 226 -7.24 23.10 2.37
CA PHE A 226 -7.14 24.56 2.56
C PHE A 226 -7.97 25.32 1.53
N LEU A 227 -8.02 24.79 0.31
CA LEU A 227 -8.84 25.36 -0.77
C LEU A 227 -10.33 25.31 -0.44
N LEU A 228 -10.76 24.20 0.14
CA LEU A 228 -12.16 23.98 0.48
C LEU A 228 -12.53 24.76 1.73
N SER A 229 -11.77 24.54 2.79
CA SER A 229 -11.93 25.28 4.03
C SER A 229 -10.75 25.06 4.96
N LYS A 230 -10.31 26.14 5.59
CA LYS A 230 -9.19 26.09 6.54
C LYS A 230 -9.67 25.40 7.82
N PRO A 231 -8.74 24.90 8.64
CA PRO A 231 -9.13 24.42 9.96
C PRO A 231 -9.54 25.55 10.89
N ILE A 232 -10.70 25.41 11.54
CA ILE A 232 -11.31 26.49 12.32
C ILE A 232 -11.79 26.03 13.69
N LEU A 233 -11.97 26.99 14.58
CA LEU A 233 -12.35 26.73 15.98
C LEU A 233 -13.79 26.24 16.09
N GLY A 234 -14.11 25.66 17.25
CA GLY A 234 -15.44 25.12 17.49
C GLY A 234 -16.54 26.15 17.30
N SER A 235 -16.29 27.37 17.75
CA SER A 235 -17.24 28.47 17.60
C SER A 235 -17.42 28.83 16.14
N GLU A 236 -16.31 28.90 15.42
CA GLU A 236 -16.32 29.23 14.00
C GLU A 236 -17.04 28.12 13.20
N GLN A 238 -19.44 26.15 14.36
CA GLN A 238 -20.87 26.38 14.61
C GLN A 238 -21.43 27.30 13.54
N THR A 239 -20.82 28.47 13.45
CA THR A 239 -21.21 29.50 12.48
C THR A 239 -21.26 28.92 11.06
N LEU A 240 -20.25 28.13 10.71
CA LEU A 240 -20.21 27.48 9.40
C LEU A 240 -21.31 26.45 9.24
N LEU A 241 -21.55 25.67 10.28
CA LEU A 241 -22.60 24.65 10.27
C LEU A 241 -23.99 25.27 10.25
N ALA A 242 -24.11 26.47 10.83
CA ALA A 242 -25.37 27.23 10.80
C ALA A 242 -25.72 27.59 9.37
N LYS A 243 -24.74 28.06 8.63
CA LYS A 243 -24.89 28.32 7.21
C LYS A 243 -25.12 27.00 6.48
N GLY A 244 -24.26 26.03 6.76
CA GLY A 244 -24.39 24.67 6.20
C GLY A 244 -23.43 24.38 5.07
N ARG A 245 -22.88 25.41 4.45
CA ARG A 245 -22.01 25.26 3.28
C ARG A 245 -20.81 26.20 3.31
N VAL A 246 -19.93 26.01 2.34
CA VAL A 246 -18.87 26.97 2.04
C VAL A 246 -19.01 27.37 0.56
N PRO A 247 -18.37 28.48 0.15
CA PRO A 247 -18.43 28.88 -1.25
C PRO A 247 -17.32 28.26 -2.10
N ILE B 1 21.80 -24.66 2.15
CA ILE B 1 22.73 -25.79 2.50
C ILE B 1 24.13 -25.42 2.03
N GLU B 2 25.11 -26.09 2.63
CA GLU B 2 26.51 -25.93 2.29
C GLU B 2 27.07 -27.19 1.66
N GLY B 3 27.75 -27.03 0.54
CA GLY B 3 28.59 -28.08 -0.03
C GLY B 3 30.04 -27.63 0.05
N GLY B 4 30.35 -26.81 1.07
CA GLY B 4 31.58 -26.01 1.10
C GLY B 4 31.36 -24.70 0.35
N ALA B 5 30.45 -24.77 -0.63
CA ALA B 5 29.99 -23.65 -1.44
C ALA B 5 28.48 -23.58 -1.26
N LEU B 6 27.87 -22.52 -1.76
CA LEU B 6 26.42 -22.29 -1.56
C LEU B 6 25.55 -23.06 -2.56
N VAL B 7 24.53 -23.74 -2.03
CA VAL B 7 23.55 -24.45 -2.84
C VAL B 7 22.31 -23.59 -2.99
N LEU B 8 22.18 -22.95 -4.15
CA LEU B 8 21.02 -22.12 -4.44
C LEU B 8 19.95 -22.93 -5.15
N HIS B 9 18.71 -22.55 -4.92
CA HIS B 9 17.58 -23.05 -5.69
C HIS B 9 17.01 -21.91 -6.51
N TYR B 10 16.35 -22.26 -7.60
CA TYR B 10 15.86 -21.28 -8.56
C TYR B 10 14.38 -21.51 -8.84
N LEU B 11 13.57 -20.52 -8.52
CA LEU B 11 12.13 -20.59 -8.74
C LEU B 11 11.82 -20.07 -10.14
N PRO B 12 11.34 -20.94 -11.04
CA PRO B 12 11.11 -20.44 -12.40
C PRO B 12 9.90 -19.52 -12.47
N GLU B 13 10.02 -18.48 -13.28
CA GLU B 13 8.93 -17.59 -13.61
C GLU B 13 8.56 -17.84 -15.06
N ILE B 14 7.30 -18.15 -15.30
CA ILE B 14 6.86 -18.58 -16.63
C ILE B 14 5.73 -17.73 -17.21
N ASP B 15 5.67 -17.69 -18.54
CA ASP B 15 4.49 -17.24 -19.25
C ASP B 15 3.45 -18.34 -19.08
N ARG B 17 0.46 -18.61 -20.33
CA ARG B 17 -0.29 -18.93 -21.53
C ARG B 17 0.40 -20.08 -22.27
N THR B 18 1.67 -19.87 -22.59
CA THR B 18 2.48 -20.84 -23.34
C THR B 18 3.12 -21.90 -22.45
N GLY B 19 3.40 -21.54 -21.20
CA GLY B 19 4.17 -22.38 -20.29
C GLY B 19 5.67 -22.08 -20.33
N GLU B 20 6.04 -21.14 -21.19
CA GLU B 20 7.46 -20.82 -21.45
C GLU B 20 8.10 -20.19 -20.22
N VAL B 21 9.34 -20.57 -19.94
CA VAL B 21 10.12 -19.99 -18.85
C VAL B 21 10.69 -18.65 -19.28
N LEU B 22 10.36 -17.60 -18.53
CA LEU B 22 10.82 -16.24 -18.84
C LEU B 22 11.91 -15.77 -17.91
N ALA B 23 11.95 -16.30 -16.69
CA ALA B 23 12.94 -15.89 -15.70
C ALA B 23 13.06 -16.92 -14.59
N ALA B 24 14.04 -16.70 -13.72
CA ALA B 24 14.30 -17.56 -12.57
C ALA B 24 14.68 -16.75 -11.34
N GLU B 25 13.84 -16.81 -10.30
CA GLU B 25 14.14 -16.14 -9.03
C GLU B 25 15.07 -17.02 -8.21
N ALA B 26 16.28 -16.52 -7.99
CA ALA B 26 17.28 -17.21 -7.17
C ALA B 26 16.89 -17.16 -5.69
N LEU B 27 16.67 -18.35 -5.12
CA LEU B 27 16.31 -18.51 -3.71
C LEU B 27 17.36 -19.32 -2.96
N VAL B 28 17.21 -19.39 -1.64
CA VAL B 28 18.11 -20.14 -0.79
C VAL B 28 17.36 -20.91 0.30
N ALA B 53 30.81 -4.19 5.39
CA ALA B 53 29.41 -4.40 5.00
C ALA B 53 28.64 -5.24 6.03
N GLY B 54 29.25 -6.33 6.49
CA GLY B 54 28.63 -7.25 7.45
C GLY B 54 27.74 -8.30 6.80
N GLU B 55 26.79 -7.84 5.99
CA GLU B 55 25.89 -8.71 5.24
C GLU B 55 26.32 -8.74 3.79
N LEU B 56 27.33 -9.54 3.51
CA LEU B 56 27.88 -9.67 2.16
C LEU B 56 27.09 -10.73 1.42
N GLY B 57 25.82 -10.40 1.18
CA GLY B 57 24.88 -11.25 0.45
C GLY B 57 25.06 -11.10 -1.05
N ARG B 58 26.09 -10.39 -1.47
CA ARG B 58 26.57 -10.46 -2.85
C ARG B 58 27.16 -11.83 -3.15
N TRP B 59 27.49 -12.58 -2.10
CA TRP B 59 27.88 -13.98 -2.22
C TRP B 59 26.76 -14.79 -2.90
N VAL B 60 25.51 -14.53 -2.49
CA VAL B 60 24.34 -15.11 -3.16
C VAL B 60 24.27 -14.62 -4.60
N LEU B 61 24.33 -13.30 -4.75
CA LEU B 61 24.31 -12.64 -6.05
C LEU B 61 25.40 -13.16 -7.00
N ARG B 62 26.60 -13.32 -6.46
CA ARG B 62 27.75 -13.77 -7.23
C ARG B 62 27.57 -15.22 -7.68
N THR B 63 27.06 -16.06 -6.80
CA THR B 63 26.83 -17.48 -7.09
C THR B 63 25.77 -17.66 -8.17
N ALA B 64 24.72 -16.85 -8.10
CA ALA B 64 23.62 -16.90 -9.06
C ALA B 64 24.08 -16.51 -10.45
N CYS B 65 24.83 -15.42 -10.54
CA CYS B 65 25.34 -14.95 -11.83
C CYS B 65 26.28 -15.96 -12.46
N ALA B 66 27.09 -16.61 -11.63
CA ALA B 66 28.01 -17.65 -12.08
C ALA B 66 27.26 -18.86 -12.63
N GLU B 67 26.22 -19.28 -11.92
CA GLU B 67 25.37 -20.38 -12.37
C GLU B 67 24.53 -19.98 -13.60
N PHE B 68 24.20 -18.70 -13.69
CA PHE B 68 23.39 -18.19 -14.80
C PHE B 68 24.19 -18.09 -16.10
N SER B 69 25.42 -17.60 -16.01
CA SER B 69 26.31 -17.52 -17.17
C SER B 69 26.70 -18.91 -17.65
N ARG B 70 26.73 -19.86 -16.71
CA ARG B 70 26.97 -21.27 -17.05
C ARG B 70 25.90 -21.78 -17.98
N TRP B 71 24.64 -21.52 -17.64
CA TRP B 71 23.52 -21.90 -18.51
C TRP B 71 23.71 -21.24 -19.87
N ARG B 72 23.97 -19.93 -19.84
CA ARG B 72 24.20 -19.15 -21.06
C ARG B 72 25.35 -19.70 -21.90
N ALA B 73 26.44 -20.08 -21.24
CA ALA B 73 27.57 -20.74 -21.89
C ALA B 73 27.16 -22.01 -22.63
N ASN B 74 26.21 -22.74 -22.07
CA ASN B 74 25.68 -23.97 -22.69
C ASN B 74 24.55 -23.73 -23.70
N GLY B 75 24.41 -22.49 -24.16
CA GLY B 75 23.40 -22.13 -25.17
C GLY B 75 21.98 -22.28 -24.66
N VAL B 76 21.77 -21.97 -23.39
CA VAL B 76 20.47 -22.12 -22.73
C VAL B 76 20.26 -20.91 -21.80
N GLY B 77 19.02 -20.49 -21.65
CA GLY B 77 18.71 -19.31 -20.82
C GLY B 77 19.33 -18.03 -21.35
N ARG B 78 19.42 -17.94 -22.67
CA ARG B 78 20.06 -16.81 -23.34
C ARG B 78 19.14 -15.59 -23.34
N ASN B 79 17.85 -15.83 -23.48
CA ASN B 79 16.83 -14.77 -23.58
C ASN B 79 16.02 -14.52 -22.30
N ILE B 80 16.40 -15.17 -21.20
CA ILE B 80 15.67 -15.05 -19.93
C ILE B 80 16.38 -14.13 -18.93
N VAL B 81 15.66 -13.76 -17.88
CA VAL B 81 16.18 -12.86 -16.85
C VAL B 81 16.41 -13.61 -15.53
N LEU B 82 17.50 -13.27 -14.86
CA LEU B 82 17.80 -13.81 -13.54
C LEU B 82 17.32 -12.83 -12.48
N ARG B 83 16.46 -13.29 -11.58
CA ARG B 83 15.96 -12.43 -10.50
C ARG B 83 16.59 -12.80 -9.16
N ILE B 84 17.20 -11.81 -8.50
CA ILE B 84 17.80 -12.02 -7.18
C ILE B 84 17.17 -11.10 -6.15
N ASN B 85 16.77 -11.68 -5.02
CA ASN B 85 16.22 -10.90 -3.91
C ASN B 85 17.33 -10.10 -3.25
N VAL B 86 17.18 -8.77 -3.26
CA VAL B 86 18.16 -7.87 -2.68
C VAL B 86 17.54 -7.12 -1.50
N SER B 87 18.28 -7.08 -0.39
CA SER B 87 17.84 -6.42 0.83
C SER B 87 18.06 -4.90 0.73
N PRO B 88 17.22 -4.10 1.40
CA PRO B 88 17.47 -2.65 1.48
C PRO B 88 18.69 -2.32 2.35
N VAL B 89 19.06 -3.25 3.23
CA VAL B 89 20.32 -3.18 3.96
C VAL B 89 21.47 -3.34 2.95
N GLN B 90 21.36 -4.35 2.08
CA GLN B 90 22.30 -4.56 0.97
C GLN B 90 22.35 -3.35 0.06
N LEU B 91 21.18 -2.82 -0.29
CA LEU B 91 21.07 -1.64 -1.12
C LEU B 91 21.62 -0.44 -0.36
N VAL B 92 21.91 0.63 -1.09
CA VAL B 92 22.37 1.90 -0.54
C VAL B 92 23.52 1.79 0.46
N THR B 93 24.33 0.75 0.30
CA THR B 93 25.61 0.66 0.98
C THR B 93 26.59 1.06 -0.08
N ASP B 94 27.45 2.01 0.23
CA ASP B 94 28.27 2.63 -0.81
C ASP B 94 29.07 1.57 -1.57
N GLY B 95 29.13 1.76 -2.88
CA GLY B 95 29.76 0.78 -3.75
C GLY B 95 28.94 -0.49 -3.84
N PHE B 96 27.62 -0.33 -3.86
CA PHE B 96 26.72 -1.47 -4.11
C PHE B 96 26.61 -1.68 -5.62
N VAL B 97 26.42 -0.59 -6.36
CA VAL B 97 26.33 -0.66 -7.81
C VAL B 97 27.66 -1.13 -8.40
N GLU B 98 28.77 -0.71 -7.80
CA GLU B 98 30.10 -1.14 -8.26
C GLU B 98 30.21 -2.66 -8.27
N SER B 99 29.66 -3.31 -7.25
CA SER B 99 29.66 -4.77 -7.18
C SER B 99 28.71 -5.34 -8.22
N VAL B 100 27.45 -4.90 -8.21
CA VAL B 100 26.46 -5.40 -9.15
C VAL B 100 26.94 -5.22 -10.59
N ALA B 101 27.52 -4.07 -10.87
CA ALA B 101 28.05 -3.75 -12.20
C ALA B 101 29.23 -4.63 -12.56
N GLY B 102 30.19 -4.71 -11.65
CA GLY B 102 31.38 -5.55 -11.83
C GLY B 102 31.03 -7.03 -11.93
N ILE B 103 30.18 -7.49 -11.01
CA ILE B 103 29.76 -8.90 -10.96
C ILE B 103 29.15 -9.36 -12.28
N LYS B 105 29.61 -7.91 -15.35
CA LYS B 105 30.67 -7.89 -16.35
C LYS B 105 31.59 -9.10 -16.20
N GLU B 106 31.90 -9.46 -14.96
CA GLU B 106 32.74 -10.61 -14.66
C GLU B 106 32.28 -11.87 -15.39
N PHE B 107 30.98 -12.16 -15.32
CA PHE B 107 30.40 -13.38 -15.90
C PHE B 107 29.77 -13.16 -17.28
N GLY B 108 30.10 -12.03 -17.90
CA GLY B 108 29.64 -11.73 -19.25
C GLY B 108 28.13 -11.70 -19.38
N LEU B 109 27.46 -11.16 -18.37
CA LEU B 109 26.00 -11.05 -18.39
C LEU B 109 25.63 -9.72 -19.05
N PRO B 110 24.78 -9.78 -20.09
CA PRO B 110 24.41 -8.56 -20.81
C PRO B 110 23.33 -7.75 -20.11
N ARG B 111 23.12 -6.54 -20.60
CA ARG B 111 22.16 -5.60 -20.02
C ARG B 111 20.74 -6.17 -20.02
N GLY B 112 20.02 -5.94 -18.92
CA GLY B 112 18.64 -6.42 -18.76
C GLY B 112 18.49 -7.86 -18.30
N SER B 113 19.59 -8.60 -18.24
CA SER B 113 19.56 -10.03 -17.90
C SER B 113 19.43 -10.28 -16.39
N VAL B 114 19.71 -9.26 -15.59
CA VAL B 114 19.63 -9.36 -14.14
C VAL B 114 18.59 -8.37 -13.61
N CYS B 115 17.72 -8.86 -12.75
CA CYS B 115 16.70 -8.02 -12.10
C CYS B 115 16.75 -8.20 -10.59
N LEU B 116 17.04 -7.11 -9.87
CA LEU B 116 17.12 -7.15 -8.42
C LEU B 116 15.74 -6.91 -7.82
N GLU B 117 15.23 -7.92 -7.11
CA GLU B 117 13.96 -7.79 -6.39
C GLU B 117 14.18 -7.11 -5.06
N ILE B 118 13.59 -5.93 -4.90
CA ILE B 118 13.64 -5.20 -3.64
C ILE B 118 12.33 -5.34 -2.87
N THR B 119 12.44 -5.50 -1.55
CA THR B 119 11.25 -5.58 -0.70
C THR B 119 10.54 -4.24 -0.66
N GLU B 120 9.22 -4.28 -0.52
CA GLU B 120 8.41 -3.07 -0.45
C GLU B 120 8.68 -2.34 0.86
N SER B 121 9.08 -3.08 1.89
CA SER B 121 9.54 -2.50 3.15
C SER B 121 10.91 -1.83 3.00
N VAL B 122 10.97 -0.81 2.15
CA VAL B 122 12.18 0.01 2.02
C VAL B 122 12.29 0.71 3.37
N VAL B 123 11.25 1.47 3.72
CA VAL B 123 11.19 2.21 4.99
C VAL B 123 12.55 2.83 5.30
N VAL B 124 13.12 3.48 4.29
CA VAL B 124 14.43 4.11 4.43
C VAL B 124 14.40 5.59 4.07
N GLN B 125 15.20 6.32 4.83
CA GLN B 125 15.45 7.73 4.66
C GLN B 125 16.25 7.87 3.35
N ASP B 126 16.63 9.09 2.98
CA ASP B 126 17.39 9.29 1.76
C ASP B 126 16.68 8.65 0.54
N ILE B 127 15.38 8.93 0.42
CA ILE B 127 14.59 8.49 -0.75
C ILE B 127 15.23 8.95 -2.07
N GLU B 128 15.89 10.10 -2.01
CA GLU B 128 16.71 10.59 -3.11
C GLU B 128 17.84 9.61 -3.39
N THR B 129 18.58 9.24 -2.34
CA THR B 129 19.67 8.25 -2.44
C THR B 129 19.16 6.93 -3.01
N THR B 130 18.00 6.50 -2.56
CA THR B 130 17.37 5.29 -3.07
C THR B 130 17.09 5.44 -4.56
N ARG B 131 16.53 6.59 -4.94
CA ARG B 131 16.23 6.87 -6.35
C ARG B 131 17.48 6.91 -7.22
N THR B 132 18.55 7.55 -6.72
CA THR B 132 19.82 7.62 -7.45
C THR B 132 20.47 6.25 -7.62
N THR B 133 20.22 5.36 -6.67
CA THR B 133 20.71 3.98 -6.75
C THR B 133 19.98 3.22 -7.85
N LEU B 134 18.66 3.27 -7.83
CA LEU B 134 17.82 2.61 -8.83
C LEU B 134 18.12 3.09 -10.25
N THR B 135 18.20 4.40 -10.42
CA THR B 135 18.61 4.97 -11.71
C THR B 135 20.04 4.58 -12.01
N GLY B 136 20.88 4.59 -10.99
CA GLY B 136 22.26 4.11 -11.07
C GLY B 136 22.33 2.70 -11.63
N LEU B 137 21.45 1.82 -11.14
CA LEU B 137 21.38 0.45 -11.62
C LEU B 137 20.91 0.38 -13.09
N HIS B 138 19.96 1.23 -13.44
CA HIS B 138 19.44 1.31 -14.81
C HIS B 138 20.48 1.76 -15.82
N ASN B 139 21.35 2.70 -15.41
CA ASN B 139 22.50 3.11 -16.24
C ASN B 139 23.41 1.92 -16.52
N VAL B 140 23.46 1.01 -15.55
CA VAL B 140 24.25 -0.23 -15.66
C VAL B 140 23.42 -1.38 -16.27
N GLY B 141 22.22 -1.09 -16.74
CA GLY B 141 21.38 -2.08 -17.39
C GLY B 141 20.93 -3.19 -16.46
N VAL B 142 20.48 -2.81 -15.27
CA VAL B 142 19.95 -3.76 -14.29
C VAL B 142 18.52 -3.38 -13.98
N GLN B 143 17.59 -4.30 -14.22
CA GLN B 143 16.18 -4.09 -13.89
C GLN B 143 15.96 -4.16 -12.38
N VAL B 144 14.84 -3.58 -11.93
CA VAL B 144 14.46 -3.63 -10.52
C VAL B 144 12.98 -3.97 -10.39
N ALA B 145 12.67 -4.76 -9.37
CA ALA B 145 11.32 -5.23 -9.14
C ALA B 145 10.94 -5.07 -7.67
N ILE B 146 9.65 -4.83 -7.42
CA ILE B 146 9.12 -4.78 -6.07
C ILE B 146 8.61 -6.15 -5.67
N ASP B 147 9.29 -6.80 -4.74
CA ASP B 147 8.86 -8.10 -4.25
C ASP B 147 7.73 -7.92 -3.23
N ASP B 148 6.94 -8.97 -3.03
CA ASP B 148 5.85 -8.96 -2.04
C ASP B 148 5.05 -7.66 -2.07
N PHE B 149 4.62 -7.25 -3.25
CA PHE B 149 3.90 -5.99 -3.42
C PHE B 149 2.58 -6.01 -2.63
N GLY B 150 2.26 -4.88 -2.01
CA GLY B 150 1.01 -4.71 -1.27
C GLY B 150 1.07 -5.06 0.21
N THR B 151 2.24 -5.51 0.66
CA THR B 151 2.40 -5.93 2.06
C THR B 151 3.40 -5.09 2.85
N GLY B 152 4.17 -4.24 2.16
CA GLY B 152 5.22 -3.48 2.80
C GLY B 152 4.79 -2.13 3.35
N TYR B 153 5.73 -1.19 3.34
CA TYR B 153 5.52 0.16 3.86
C TYR B 153 5.46 1.15 2.69
N SER B 154 4.51 2.08 2.75
CA SER B 154 4.32 3.10 1.71
C SER B 154 4.12 2.48 0.33
N VAL B 155 3.26 1.47 0.27
CA VAL B 155 3.05 0.70 -0.95
C VAL B 155 2.76 1.56 -2.18
N LEU B 156 1.74 2.40 -2.06
CA LEU B 156 1.31 3.26 -3.17
C LEU B 156 2.26 4.43 -3.43
N SER B 157 2.81 4.99 -2.36
CA SER B 157 3.76 6.10 -2.46
C SER B 157 4.99 5.73 -3.29
N LEU B 158 5.53 4.55 -3.05
CA LEU B 158 6.76 4.10 -3.72
C LEU B 158 6.63 4.12 -5.24
N LEU B 159 5.45 3.78 -5.74
CA LEU B 159 5.20 3.79 -7.19
C LEU B 159 5.49 5.13 -7.85
N LYS B 160 5.23 6.23 -7.15
CA LYS B 160 5.48 7.56 -7.69
C LYS B 160 6.97 7.87 -7.78
N SER B 161 7.66 7.67 -6.66
CA SER B 161 9.05 8.10 -6.50
C SER B 161 10.05 7.21 -7.21
N LEU B 162 9.95 5.90 -6.99
CA LEU B 162 10.99 4.94 -7.43
C LEU B 162 10.80 4.43 -8.85
N PRO B 163 11.83 4.56 -9.71
CA PRO B 163 11.75 4.11 -11.08
C PRO B 163 12.03 2.62 -11.19
N VAL B 164 11.10 1.81 -10.69
CA VAL B 164 11.21 0.36 -10.81
C VAL B 164 10.70 -0.12 -12.17
N ASP B 165 10.88 -1.40 -12.45
CA ASP B 165 10.46 -2.01 -13.72
C ASP B 165 9.32 -3.01 -13.56
N THR B 166 9.41 -3.84 -12.52
CA THR B 166 8.47 -4.95 -12.34
C THR B 166 7.74 -4.89 -11.00
N LEU B 167 6.52 -5.43 -10.99
CA LEU B 167 5.75 -5.63 -9.76
C LEU B 167 5.51 -7.11 -9.53
N LYS B 168 5.50 -7.51 -8.26
CA LYS B 168 5.27 -8.90 -7.88
C LYS B 168 4.15 -9.01 -6.84
N ILE B 169 2.99 -9.49 -7.27
CA ILE B 169 1.83 -9.59 -6.41
C ILE B 169 2.06 -10.64 -5.32
N ASP B 170 1.98 -10.22 -4.06
CA ASP B 170 2.31 -11.08 -2.92
C ASP B 170 1.51 -12.38 -2.85
N ARG B 171 2.14 -13.40 -2.26
CA ARG B 171 1.49 -14.68 -1.94
C ARG B 171 0.03 -14.46 -1.52
N SER B 172 -0.14 -13.60 -0.52
CA SER B 172 -1.42 -13.32 0.14
C SER B 172 -2.58 -13.18 -0.84
N PHE B 173 -2.38 -12.35 -1.85
CA PHE B 173 -3.43 -11.98 -2.78
C PHE B 173 -3.79 -13.10 -3.76
N VAL B 174 -2.77 -13.80 -4.24
CA VAL B 174 -2.94 -14.86 -5.23
C VAL B 174 -3.50 -16.15 -4.60
N ALA B 175 -3.19 -16.36 -3.32
CA ALA B 175 -3.57 -17.59 -2.61
C ALA B 175 -5.04 -17.97 -2.80
N GLU B 176 -5.93 -17.03 -2.46
CA GLU B 176 -7.38 -17.27 -2.51
C GLU B 176 -8.06 -16.52 -3.67
N LEU B 177 -7.35 -16.37 -4.79
CA LEU B 177 -7.80 -15.49 -5.86
C LEU B 177 -9.13 -15.92 -6.48
N GLY B 178 -9.21 -17.18 -6.89
CA GLY B 178 -10.44 -17.72 -7.43
C GLY B 178 -11.50 -17.92 -6.37
N SER B 179 -11.09 -18.54 -5.26
CA SER B 179 -12.03 -18.90 -4.20
C SER B 179 -12.78 -17.70 -3.65
N ASN B 180 -12.04 -16.71 -3.15
CA ASN B 180 -12.64 -15.49 -2.64
C ASN B 180 -12.85 -14.48 -3.78
N PRO B 181 -14.10 -13.99 -3.96
CA PRO B 181 -14.31 -12.90 -4.92
C PRO B 181 -13.67 -11.59 -4.47
N GLY B 182 -13.49 -11.42 -3.17
CA GLY B 182 -12.88 -10.23 -2.60
C GLY B 182 -11.42 -9.96 -2.94
N ASP B 183 -10.71 -10.97 -3.42
CA ASP B 183 -9.31 -10.78 -3.84
C ASP B 183 -9.20 -10.18 -5.24
N LEU B 184 -10.21 -10.43 -6.07
CA LEU B 184 -10.18 -10.03 -7.48
C LEU B 184 -10.21 -8.52 -7.70
N PRO B 185 -11.07 -7.79 -6.95
CA PRO B 185 -11.10 -6.32 -7.06
C PRO B 185 -9.74 -5.72 -6.77
N ILE B 186 -9.08 -6.26 -5.76
CA ILE B 186 -7.75 -5.80 -5.36
C ILE B 186 -6.77 -6.08 -6.50
N VAL B 187 -6.69 -7.34 -6.90
CA VAL B 187 -5.78 -7.75 -7.97
C VAL B 187 -6.06 -6.99 -9.27
N ARG B 188 -7.34 -6.77 -9.56
CA ARG B 188 -7.72 -6.00 -10.76
C ARG B 188 -7.16 -4.58 -10.66
N ALA B 189 -7.19 -4.02 -9.45
CA ALA B 189 -6.66 -2.68 -9.19
C ALA B 189 -5.12 -2.61 -9.25
N VAL B 190 -4.45 -3.66 -8.80
CA VAL B 190 -2.99 -3.71 -8.84
C VAL B 190 -2.51 -3.81 -10.29
N ILE B 191 -3.20 -4.63 -11.08
CA ILE B 191 -2.89 -4.79 -12.51
C ILE B 191 -3.07 -3.46 -13.26
N ALA B 192 -4.10 -2.72 -12.88
CA ALA B 192 -4.33 -1.39 -13.43
C ALA B 192 -3.16 -0.46 -13.15
N LEU B 193 -2.71 -0.45 -11.89
CA LEU B 193 -1.57 0.34 -11.47
C LEU B 193 -0.34 0.03 -12.30
N ALA B 194 0.00 -1.25 -12.39
CA ALA B 194 1.16 -1.69 -13.17
C ALA B 194 1.05 -1.16 -14.58
N GLY B 195 -0.11 -1.43 -15.21
CA GLY B 195 -0.39 -0.94 -16.55
C GLY B 195 -0.23 0.57 -16.65
N ALA B 196 -0.84 1.27 -15.70
CA ALA B 196 -0.79 2.73 -15.65
C ALA B 196 0.62 3.29 -15.40
N PHE B 197 1.43 2.55 -14.64
CA PHE B 197 2.81 2.98 -14.33
C PHE B 197 3.87 2.41 -15.27
N GLY B 198 3.43 1.72 -16.32
CA GLY B 198 4.34 1.13 -17.31
C GLY B 198 5.26 0.08 -16.71
N LEU B 199 4.72 -0.67 -15.75
CA LEU B 199 5.47 -1.70 -15.02
C LEU B 199 5.10 -3.11 -15.46
N GLN B 200 6.11 -3.96 -15.55
CA GLN B 200 5.91 -5.37 -15.84
C GLN B 200 5.23 -6.05 -14.65
N LEU B 201 4.35 -7.00 -14.95
CA LEU B 201 3.61 -7.72 -13.91
C LEU B 201 4.12 -9.13 -13.72
N VAL B 202 4.14 -9.59 -12.47
CA VAL B 202 4.43 -10.99 -12.15
C VAL B 202 3.58 -11.37 -10.96
N ALA B 203 2.88 -12.49 -11.07
CA ALA B 203 2.09 -13.01 -9.95
C ALA B 203 2.88 -14.08 -9.22
N GLU B 204 3.05 -13.92 -7.91
CA GLU B 204 3.73 -14.94 -7.12
C GLU B 204 2.76 -15.54 -6.11
N GLY B 205 2.76 -16.87 -6.03
CA GLY B 205 1.87 -17.61 -5.14
C GLY B 205 0.74 -18.34 -5.85
N VAL B 206 0.94 -18.65 -7.12
CA VAL B 206 -0.06 -19.39 -7.89
C VAL B 206 -0.02 -20.85 -7.48
N GLU B 207 -0.97 -21.25 -6.63
CA GLU B 207 -1.03 -22.62 -6.16
C GLU B 207 -2.29 -23.34 -6.61
N THR B 208 -3.15 -22.63 -7.35
CA THR B 208 -4.42 -23.19 -7.83
C THR B 208 -4.64 -22.85 -9.29
N GLU B 209 -5.47 -23.63 -9.95
CA GLU B 209 -5.83 -23.38 -11.35
C GLU B 209 -6.80 -22.20 -11.46
N ARG B 210 -7.58 -21.99 -10.40
CA ARG B 210 -8.56 -20.91 -10.35
C ARG B 210 -7.87 -19.54 -10.37
N ALA B 211 -6.91 -19.36 -9.48
CA ALA B 211 -6.07 -18.18 -9.45
C ALA B 211 -5.33 -18.03 -10.78
N ALA B 212 -4.82 -19.16 -11.27
CA ALA B 212 -4.11 -19.21 -12.54
C ALA B 212 -4.95 -18.61 -13.66
N LEU B 213 -6.15 -19.16 -13.83
CA LEU B 213 -7.03 -18.74 -14.92
C LEU B 213 -7.53 -17.30 -14.72
N THR B 214 -7.71 -16.91 -13.46
CA THR B 214 -8.18 -15.56 -13.14
C THR B 214 -7.13 -14.51 -13.50
N LEU B 215 -5.87 -14.81 -13.23
CA LEU B 215 -4.76 -13.92 -13.60
C LEU B 215 -4.67 -13.75 -15.12
N LEU B 216 -4.98 -14.83 -15.84
CA LEU B 216 -4.98 -14.80 -17.30
C LEU B 216 -6.14 -13.97 -17.86
N ARG B 217 -7.33 -14.15 -17.31
CA ARG B 217 -8.50 -13.37 -17.71
C ARG B 217 -8.25 -11.86 -17.67
N HIS B 218 -7.58 -11.40 -16.62
CA HIS B 218 -7.44 -9.98 -16.34
C HIS B 218 -6.08 -9.37 -16.72
N GLY B 219 -5.27 -10.14 -17.43
CA GLY B 219 -4.05 -9.60 -18.06
C GLY B 219 -2.78 -9.67 -17.24
N CYS B 220 -2.62 -10.74 -16.47
CA CYS B 220 -1.35 -11.02 -15.77
C CYS B 220 -0.85 -12.41 -16.19
N TYR B 221 0.04 -12.43 -17.18
CA TYR B 221 0.46 -13.69 -17.81
C TYR B 221 1.79 -14.27 -17.29
N ARG B 222 2.62 -13.43 -16.66
CA ARG B 222 3.83 -13.89 -15.98
C ARG B 222 3.51 -14.29 -14.56
N ALA B 223 4.05 -15.43 -14.11
CA ALA B 223 3.80 -15.89 -12.75
C ALA B 223 4.80 -16.93 -12.21
N GLN B 224 4.79 -17.08 -10.89
CA GLN B 224 5.52 -18.13 -10.17
C GLN B 224 4.58 -18.77 -9.17
N GLY B 225 4.85 -20.03 -8.83
CA GLY B 225 4.06 -20.77 -7.84
C GLY B 225 4.19 -22.27 -7.99
N PHE B 226 3.86 -22.98 -6.91
CA PHE B 226 4.04 -24.44 -6.84
C PHE B 226 3.26 -25.20 -7.91
N LEU B 227 2.12 -24.67 -8.31
CA LEU B 227 1.33 -25.25 -9.41
C LEU B 227 2.11 -25.22 -10.71
N LEU B 228 2.82 -24.13 -10.94
CA LEU B 228 3.55 -23.91 -12.18
C LEU B 228 4.88 -24.64 -12.15
N SER B 229 5.69 -24.33 -11.12
CA SER B 229 6.97 -25.00 -10.92
C SER B 229 7.50 -24.77 -9.51
N LYS B 230 8.38 -25.67 -9.11
CA LYS B 230 8.95 -25.70 -7.79
C LYS B 230 10.35 -25.07 -7.86
N PRO B 231 10.88 -24.62 -6.70
CA PRO B 231 12.30 -24.27 -6.69
C PRO B 231 13.18 -25.47 -7.04
N ILE B 232 14.05 -25.29 -8.01
CA ILE B 232 14.86 -26.40 -8.54
C ILE B 232 16.34 -26.04 -8.58
N LEU B 233 17.20 -27.06 -8.52
CA LEU B 233 18.64 -26.87 -8.56
C LEU B 233 19.12 -26.30 -9.90
N GLY B 234 20.32 -25.71 -9.88
CA GLY B 234 20.89 -25.08 -11.06
C GLY B 234 20.91 -26.00 -12.27
N SER B 235 21.33 -27.24 -12.05
CA SER B 235 21.34 -28.26 -13.09
C SER B 235 19.93 -28.55 -13.59
N GLU B 236 18.99 -28.70 -12.66
CA GLU B 236 17.59 -28.98 -12.99
C GLU B 236 16.97 -27.85 -13.80
N GLN B 238 18.67 -25.72 -15.73
CA GLN B 238 19.32 -25.80 -17.04
C GLN B 238 18.62 -26.81 -17.94
N THR B 239 18.20 -27.94 -17.36
CA THR B 239 17.44 -28.95 -18.08
C THR B 239 16.07 -28.41 -18.49
N LEU B 240 15.36 -27.82 -17.54
CA LEU B 240 14.07 -27.19 -17.81
C LEU B 240 14.21 -26.10 -18.87
N LEU B 241 15.26 -25.30 -18.76
CA LEU B 241 15.51 -24.23 -19.74
C LEU B 241 15.88 -24.77 -21.11
N ALA B 242 16.44 -25.99 -21.16
CA ALA B 242 16.70 -26.68 -22.44
C ALA B 242 15.40 -26.98 -23.19
N LYS B 243 14.38 -27.40 -22.44
CA LYS B 243 13.03 -27.53 -22.98
C LYS B 243 12.48 -26.14 -23.28
N GLY B 244 12.66 -25.22 -22.32
CA GLY B 244 12.19 -23.83 -22.46
C GLY B 244 10.71 -23.64 -22.18
N ARG B 245 10.10 -24.64 -21.55
CA ARG B 245 8.66 -24.70 -21.37
C ARG B 245 8.32 -25.71 -20.27
N VAL B 246 7.13 -25.57 -19.69
CA VAL B 246 6.62 -26.49 -18.68
C VAL B 246 5.09 -26.60 -18.89
N PRO B 247 4.48 -27.74 -18.53
CA PRO B 247 3.01 -27.90 -18.63
C PRO B 247 2.18 -26.69 -18.15
#